data_4EQH
#
_entry.id   4EQH
#
_cell.length_a   79.000
_cell.length_b   46.427
_cell.length_c   63.884
_cell.angle_alpha   90.000
_cell.angle_beta   95.240
_cell.angle_gamma   90.000
#
_symmetry.space_group_name_H-M   'C 1 2 1'
#
loop_
_entity.id
_entity.type
_entity.pdbx_description
1 polymer 'Histidine triad nucleotide-binding protein 1'
2 non-polymer "5'-O-[(L-TRYPTOPHYLAMINO)SULFONYL]ADENOSINE"
3 non-polymer '4-(2-HYDROXYETHYL)-1-PIPERAZINE ETHANESULFONIC ACID'
4 water water
#
_entity_poly.entity_id   1
_entity_poly.type   'polypeptide(L)'
_entity_poly.pdbx_seq_one_letter_code
;SLMADEIAKAQVARPGGDTIFGKIIRKEIPAKIIFEDDRCLAFHDISPQAPTHFLVIPKKHISQISVAEDDDESLLGHLM
IVGKKCAADLGLNKGYRMVVNEGSDGGQSVYHVHLHVLGGRQMHWPPG
;
_entity_poly.pdbx_strand_id   A,B
#
# COMPACT_ATOMS: atom_id res chain seq x y z
CA PRO A 15 13.94 20.26 2.03
C PRO A 15 14.19 18.76 1.89
N GLY A 16 13.12 17.97 1.97
CA GLY A 16 13.24 16.53 1.86
C GLY A 16 13.25 15.86 3.22
N GLY A 17 13.45 16.64 4.27
CA GLY A 17 13.37 16.10 5.61
C GLY A 17 14.69 15.76 6.30
N ASP A 18 14.59 15.52 7.60
CA ASP A 18 15.74 15.26 8.45
C ASP A 18 15.94 13.77 8.72
N THR A 19 15.81 12.95 7.69
CA THR A 19 16.07 11.52 7.83
C THR A 19 17.05 11.10 6.76
N ILE A 20 17.49 9.85 6.83
CA ILE A 20 18.39 9.30 5.83
C ILE A 20 17.76 9.31 4.42
N PHE A 21 16.44 9.18 4.34
CA PHE A 21 15.78 9.28 3.04
C PHE A 21 15.84 10.71 2.48
N GLY A 22 15.88 11.70 3.37
CA GLY A 22 16.07 13.07 2.95
C GLY A 22 17.45 13.25 2.32
N LYS A 23 18.46 12.64 2.93
CA LYS A 23 19.82 12.66 2.41
C LYS A 23 19.89 12.00 1.04
N ILE A 24 19.14 10.91 0.86
CA ILE A 24 19.10 10.23 -0.42
C ILE A 24 18.45 11.11 -1.51
N ILE A 25 17.33 11.74 -1.16
CA ILE A 25 16.66 12.66 -2.09
C ILE A 25 17.57 13.81 -2.52
N ARG A 26 18.37 14.32 -1.58
CA ARG A 26 19.25 15.46 -1.85
C ARG A 26 20.56 15.03 -2.51
N LYS A 27 20.69 13.73 -2.74
CA LYS A 27 21.86 13.12 -3.37
C LYS A 27 23.14 13.23 -2.52
N GLU A 28 22.95 13.40 -1.22
CA GLU A 28 24.06 13.55 -0.29
C GLU A 28 24.72 12.22 0.07
N ILE A 29 23.97 11.13 -0.03
CA ILE A 29 24.55 9.80 0.11
C ILE A 29 24.05 8.91 -1.02
N PRO A 30 24.84 7.90 -1.41
CA PRO A 30 24.44 7.10 -2.57
C PRO A 30 23.29 6.13 -2.33
N ALA A 31 22.57 5.86 -3.41
CA ALA A 31 21.52 4.87 -3.44
C ALA A 31 21.43 4.41 -4.89
N LYS A 32 20.98 3.18 -5.09
CA LYS A 32 20.80 2.66 -6.43
CA LYS A 32 20.82 2.58 -6.50
C LYS A 32 19.44 3.09 -6.95
N ILE A 33 19.42 4.21 -7.65
CA ILE A 33 18.17 4.82 -8.11
C ILE A 33 17.60 4.12 -9.34
N ILE A 34 16.31 3.81 -9.27
CA ILE A 34 15.60 3.11 -10.33
C ILE A 34 14.82 4.08 -11.20
N PHE A 35 14.20 5.06 -10.56
CA PHE A 35 13.38 6.04 -11.26
C PHE A 35 13.29 7.32 -10.45
N GLU A 36 13.20 8.45 -11.12
CA GLU A 36 13.01 9.72 -10.44
C GLU A 36 12.12 10.60 -11.28
N ASP A 37 11.28 11.40 -10.63
CA ASP A 37 10.62 12.51 -11.32
C ASP A 37 10.64 13.75 -10.42
N ASP A 38 9.75 14.71 -10.64
CA ASP A 38 9.82 15.96 -9.88
C ASP A 38 9.25 15.81 -8.47
N ARG A 39 8.61 14.67 -8.20
CA ARG A 39 7.90 14.53 -6.93
C ARG A 39 8.09 13.19 -6.20
N CYS A 40 8.89 12.29 -6.77
CA CYS A 40 9.19 11.03 -6.09
C CYS A 40 10.48 10.42 -6.57
N LEU A 41 10.93 9.39 -5.84
CA LEU A 41 12.18 8.72 -6.12
C LEU A 41 12.01 7.25 -5.80
N ALA A 42 12.47 6.37 -6.68
CA ALA A 42 12.45 4.94 -6.42
C ALA A 42 13.87 4.42 -6.40
N PHE A 43 14.20 3.64 -5.39
CA PHE A 43 15.57 3.13 -5.26
C PHE A 43 15.58 1.80 -4.54
N HIS A 44 16.61 0.99 -4.78
CA HIS A 44 16.69 -0.32 -4.15
C HIS A 44 16.94 -0.21 -2.65
N ASP A 45 16.27 -1.06 -1.88
CA ASP A 45 16.45 -1.03 -0.44
C ASP A 45 17.83 -1.56 -0.07
N ILE A 46 18.45 -0.93 0.91
CA ILE A 46 19.79 -1.34 1.34
C ILE A 46 19.82 -2.68 2.08
N SER A 47 18.67 -3.09 2.61
CA SER A 47 18.55 -4.36 3.32
C SER A 47 17.45 -5.20 2.70
N PRO A 48 17.69 -5.74 1.49
CA PRO A 48 16.61 -6.37 0.71
C PRO A 48 16.09 -7.67 1.33
N GLN A 49 14.76 -7.83 1.31
CA GLN A 49 14.10 -8.98 1.90
C GLN A 49 13.56 -9.93 0.86
N ALA A 50 13.84 -9.62 -0.41
CA ALA A 50 13.48 -10.47 -1.52
C ALA A 50 14.48 -10.19 -2.64
N PRO A 51 14.51 -11.06 -3.66
CA PRO A 51 15.47 -10.86 -4.76
C PRO A 51 15.36 -9.48 -5.41
N THR A 52 14.14 -8.93 -5.47
CA THR A 52 13.91 -7.54 -5.82
C THR A 52 13.18 -6.87 -4.66
N HIS A 53 13.76 -5.79 -4.13
CA HIS A 53 13.14 -5.07 -3.02
C HIS A 53 13.54 -3.61 -3.15
N PHE A 54 12.58 -2.76 -3.51
CA PHE A 54 12.86 -1.35 -3.67
C PHE A 54 11.82 -0.52 -2.93
N LEU A 55 12.11 0.78 -2.81
CA LEU A 55 11.23 1.73 -2.16
C LEU A 55 10.84 2.82 -3.14
N VAL A 56 9.61 3.33 -2.98
CA VAL A 56 9.21 4.54 -3.69
C VAL A 56 8.85 5.55 -2.61
N ILE A 57 9.48 6.73 -2.65
CA ILE A 57 9.23 7.74 -1.64
C ILE A 57 8.87 9.09 -2.24
N PRO A 58 7.99 9.85 -1.57
CA PRO A 58 7.70 11.19 -2.08
C PRO A 58 8.85 12.13 -1.74
N LYS A 59 9.07 13.16 -2.55
CA LYS A 59 10.08 14.15 -2.20
C LYS A 59 9.58 15.08 -1.11
N LYS A 60 8.26 15.26 -1.04
CA LYS A 60 7.66 16.01 0.06
C LYS A 60 7.83 15.22 1.34
N HIS A 61 8.29 15.88 2.40
CA HIS A 61 8.49 15.15 3.64
C HIS A 61 7.20 14.95 4.40
N ILE A 62 6.58 13.80 4.19
CA ILE A 62 5.45 13.35 5.00
C ILE A 62 6.06 12.31 5.90
N SER A 63 5.98 12.51 7.21
CA SER A 63 6.73 11.65 8.14
C SER A 63 6.17 10.24 8.20
N GLN A 64 4.86 10.12 8.00
CA GLN A 64 4.21 8.83 8.15
C GLN A 64 2.80 8.89 7.58
N ILE A 65 2.28 7.74 7.15
CA ILE A 65 1.02 7.74 6.45
C ILE A 65 -0.10 8.31 7.32
N SER A 66 0.01 8.15 8.63
CA SER A 66 -1.05 8.60 9.54
C SER A 66 -1.24 10.13 9.54
N VAL A 67 -0.23 10.87 9.08
CA VAL A 67 -0.35 12.33 9.00
C VAL A 67 -0.53 12.87 7.58
N ALA A 68 -0.69 11.98 6.60
CA ALA A 68 -1.00 12.41 5.24
C ALA A 68 -2.40 13.02 5.22
N GLU A 69 -2.64 13.94 4.28
CA GLU A 69 -3.93 14.62 4.18
C GLU A 69 -4.65 14.31 2.87
N ASP A 70 -5.93 14.69 2.77
CA ASP A 70 -6.67 14.45 1.54
C ASP A 70 -5.93 15.03 0.34
N ASP A 71 -5.31 16.19 0.53
CA ASP A 71 -4.63 16.88 -0.58
C ASP A 71 -3.46 16.05 -1.12
N ASP A 72 -3.00 15.10 -0.31
CA ASP A 72 -1.90 14.21 -0.68
C ASP A 72 -2.34 12.99 -1.48
N GLU A 73 -3.64 12.82 -1.72
CA GLU A 73 -4.14 11.56 -2.29
C GLU A 73 -3.53 11.26 -3.66
N SER A 74 -3.44 12.27 -4.53
CA SER A 74 -2.85 12.07 -5.85
C SER A 74 -1.39 11.65 -5.74
N LEU A 75 -0.65 12.33 -4.88
CA LEU A 75 0.76 12.00 -4.65
C LEU A 75 0.94 10.56 -4.15
N LEU A 76 0.14 10.14 -3.18
CA LEU A 76 0.25 8.78 -2.68
C LEU A 76 -0.08 7.75 -3.76
N GLY A 77 -1.11 8.03 -4.55
CA GLY A 77 -1.44 7.16 -5.67
C GLY A 77 -0.31 7.12 -6.69
N HIS A 78 0.36 8.25 -6.86
CA HIS A 78 1.50 8.31 -7.78
C HIS A 78 2.61 7.35 -7.32
N LEU A 79 2.82 7.26 -6.01
CA LEU A 79 3.84 6.33 -5.51
C LEU A 79 3.52 4.90 -5.94
N MET A 80 2.24 4.53 -5.86
CA MET A 80 1.82 3.18 -6.25
C MET A 80 1.93 2.93 -7.76
N ILE A 81 1.56 3.93 -8.56
CA ILE A 81 1.69 3.79 -10.02
C ILE A 81 3.17 3.70 -10.42
N VAL A 82 4.00 4.55 -9.83
CA VAL A 82 5.43 4.45 -10.10
C VAL A 82 5.95 3.08 -9.64
N GLY A 83 5.49 2.61 -8.48
CA GLY A 83 5.91 1.32 -7.95
C GLY A 83 5.57 0.19 -8.91
N LYS A 84 4.35 0.20 -9.43
CA LYS A 84 3.97 -0.90 -10.32
C LYS A 84 4.68 -0.83 -11.68
N LYS A 85 4.95 0.38 -12.16
CA LYS A 85 5.72 0.52 -13.40
C LYS A 85 7.17 0.07 -13.23
N CYS A 86 7.79 0.46 -12.11
CA CYS A 86 9.15 0.02 -11.82
C CYS A 86 9.20 -1.51 -11.70
N ALA A 87 8.19 -2.07 -11.04
CA ALA A 87 8.12 -3.53 -10.88
C ALA A 87 8.08 -4.24 -12.22
N ALA A 88 7.26 -3.74 -13.15
CA ALA A 88 7.21 -4.30 -14.49
C ALA A 88 8.57 -4.16 -15.19
N ASP A 89 9.19 -2.99 -15.06
CA ASP A 89 10.50 -2.77 -15.67
C ASP A 89 11.58 -3.70 -15.12
N LEU A 90 11.46 -4.06 -13.85
CA LEU A 90 12.43 -4.92 -13.19
C LEU A 90 12.11 -6.39 -13.42
N GLY A 91 11.11 -6.64 -14.27
CA GLY A 91 10.77 -7.99 -14.70
C GLY A 91 9.96 -8.82 -13.73
N LEU A 92 9.23 -8.17 -12.82
CA LEU A 92 8.44 -8.89 -11.82
C LEU A 92 7.09 -9.33 -12.39
N ASN A 93 7.15 -10.23 -13.37
CA ASN A 93 5.95 -10.67 -14.08
C ASN A 93 5.13 -11.75 -13.38
N LYS A 94 5.64 -12.26 -12.26
CA LYS A 94 4.94 -13.28 -11.49
C LYS A 94 4.23 -12.65 -10.29
N GLY A 95 4.41 -11.35 -10.11
CA GLY A 95 3.75 -10.64 -9.03
C GLY A 95 4.70 -10.07 -8.01
N TYR A 96 4.13 -9.43 -6.98
CA TYR A 96 4.91 -8.74 -5.97
C TYR A 96 3.99 -8.27 -4.84
N ARG A 97 4.59 -7.69 -3.81
CA ARG A 97 3.84 -7.16 -2.69
C ARG A 97 4.27 -5.73 -2.40
N MET A 98 3.29 -4.84 -2.22
CA MET A 98 3.58 -3.47 -1.77
C MET A 98 3.25 -3.33 -0.30
N VAL A 99 4.06 -2.55 0.42
CA VAL A 99 3.89 -2.44 1.85
C VAL A 99 4.15 -1.03 2.32
N VAL A 100 3.28 -0.50 3.17
CA VAL A 100 3.56 0.73 3.88
C VAL A 100 3.47 0.45 5.37
N ASN A 101 4.54 0.76 6.09
CA ASN A 101 4.58 0.56 7.54
C ASN A 101 4.30 1.86 8.27
N GLU A 102 3.47 1.78 9.31
CA GLU A 102 3.16 2.94 10.14
C GLU A 102 3.49 2.66 11.60
N GLY A 103 4.33 3.50 12.19
CA GLY A 103 4.54 3.45 13.62
C GLY A 103 5.23 2.20 14.16
N SER A 104 5.18 2.06 15.48
CA SER A 104 5.86 0.98 16.19
C SER A 104 5.35 -0.41 15.78
N ASP A 105 4.04 -0.61 15.89
CA ASP A 105 3.47 -1.91 15.55
C ASP A 105 3.63 -2.24 14.06
N GLY A 106 3.66 -1.21 13.21
CA GLY A 106 3.86 -1.43 11.78
C GLY A 106 5.30 -1.73 11.41
N GLY A 107 6.22 -1.51 12.35
CA GLY A 107 7.63 -1.71 12.08
C GLY A 107 8.25 -0.65 11.17
N GLN A 108 7.70 0.57 11.21
CA GLN A 108 8.22 1.64 10.38
C GLN A 108 9.63 2.01 10.81
N SER A 109 10.57 1.91 9.88
CA SER A 109 11.99 2.07 10.23
C SER A 109 12.56 3.48 10.04
N VAL A 110 11.95 4.26 9.16
CA VAL A 110 12.37 5.65 8.88
C VAL A 110 11.11 6.50 8.83
N TYR A 111 11.13 7.64 9.51
CA TYR A 111 9.96 8.52 9.54
C TYR A 111 9.92 9.47 8.35
N HIS A 112 9.83 8.84 7.19
CA HIS A 112 9.58 9.49 5.91
C HIS A 112 8.78 8.44 5.16
N VAL A 113 7.55 8.77 4.78
CA VAL A 113 6.67 7.83 4.09
CA VAL A 113 6.70 7.75 4.17
C VAL A 113 7.40 7.08 2.98
N HIS A 114 7.29 5.75 2.95
CA HIS A 114 7.91 4.96 1.90
C HIS A 114 7.08 3.73 1.58
N LEU A 115 6.97 3.45 0.28
CA LEU A 115 6.26 2.27 -0.22
C LEU A 115 7.29 1.20 -0.57
N HIS A 116 7.22 0.05 0.11
CA HIS A 116 8.10 -1.08 -0.24
C HIS A 116 7.47 -1.82 -1.39
N VAL A 117 8.29 -2.30 -2.32
CA VAL A 117 7.84 -3.23 -3.36
C VAL A 117 8.79 -4.42 -3.36
N LEU A 118 8.25 -5.62 -3.11
CA LEU A 118 9.07 -6.81 -2.97
C LEU A 118 8.60 -7.90 -3.93
N GLY A 119 9.54 -8.55 -4.61
CA GLY A 119 9.18 -9.67 -5.46
C GLY A 119 10.38 -10.54 -5.82
N GLY A 120 10.19 -11.46 -6.75
CA GLY A 120 11.26 -12.35 -7.16
C GLY A 120 11.29 -13.63 -6.35
N ARG A 121 10.35 -13.75 -5.43
CA ARG A 121 10.12 -14.97 -4.67
C ARG A 121 8.66 -15.00 -4.26
N GLN A 122 8.19 -16.16 -3.84
CA GLN A 122 6.87 -16.25 -3.25
C GLN A 122 6.83 -15.44 -1.96
N MET A 123 5.88 -14.54 -1.84
CA MET A 123 5.65 -13.83 -0.58
C MET A 123 4.61 -14.61 0.20
N HIS A 124 4.76 -14.66 1.52
CA HIS A 124 3.95 -15.55 2.34
C HIS A 124 2.88 -14.83 3.14
N TRP A 125 2.04 -15.60 3.82
CA TRP A 125 0.93 -15.03 4.57
C TRP A 125 0.94 -15.69 5.95
N PRO A 126 0.83 -14.89 7.03
CA PRO A 126 0.59 -13.44 7.05
C PRO A 126 1.78 -12.60 6.61
N PRO A 127 1.54 -11.32 6.30
CA PRO A 127 2.60 -10.44 5.81
C PRO A 127 3.38 -9.85 6.98
N GLY A 128 4.02 -10.73 7.74
CA GLY A 128 4.66 -10.33 8.98
C GLY A 128 3.70 -10.45 10.15
N ARG B 14 -21.00 -4.52 -14.85
CA ARG B 14 -21.72 -4.35 -13.59
C ARG B 14 -20.92 -3.47 -12.63
N PRO B 15 -21.61 -2.55 -11.95
CA PRO B 15 -20.95 -1.67 -10.98
C PRO B 15 -20.31 -2.49 -9.87
N GLY B 16 -18.99 -2.44 -9.76
CA GLY B 16 -18.28 -3.18 -8.74
C GLY B 16 -17.57 -4.44 -9.21
N GLY B 17 -17.90 -4.93 -10.40
CA GLY B 17 -17.25 -6.10 -10.96
C GLY B 17 -17.85 -7.43 -10.54
N ASP B 18 -17.25 -8.52 -11.03
CA ASP B 18 -17.77 -9.87 -10.87
C ASP B 18 -17.25 -10.65 -9.65
N THR B 19 -16.19 -10.14 -9.02
CA THR B 19 -15.59 -10.87 -7.90
C THR B 19 -16.51 -10.79 -6.69
N ILE B 20 -16.18 -11.56 -5.65
CA ILE B 20 -16.95 -11.47 -4.41
CA ILE B 20 -16.82 -11.54 -4.34
C ILE B 20 -16.83 -10.14 -3.75
N PHE B 21 -15.90 -9.28 -4.17
CA PHE B 21 -15.85 -7.90 -3.68
C PHE B 21 -16.92 -7.05 -4.34
N GLY B 22 -17.24 -7.36 -5.59
CA GLY B 22 -18.34 -6.71 -6.28
C GLY B 22 -19.66 -7.02 -5.60
N LYS B 23 -19.83 -8.28 -5.17
CA LYS B 23 -21.04 -8.70 -4.48
C LYS B 23 -21.19 -7.92 -3.17
N ILE B 24 -20.06 -7.72 -2.49
CA ILE B 24 -20.02 -6.95 -1.26
C ILE B 24 -20.36 -5.49 -1.53
N ILE B 25 -19.76 -4.90 -2.56
CA ILE B 25 -20.08 -3.53 -2.94
C ILE B 25 -21.58 -3.32 -3.18
N ARG B 26 -22.22 -4.28 -3.83
CA ARG B 26 -23.65 -4.14 -4.16
C ARG B 26 -24.58 -4.65 -3.07
N LYS B 27 -24.02 -5.04 -1.92
CA LYS B 27 -24.78 -5.49 -0.75
C LYS B 27 -25.52 -6.80 -1.04
N GLU B 28 -24.95 -7.61 -1.92
CA GLU B 28 -25.55 -8.90 -2.29
C GLU B 28 -25.07 -10.00 -1.36
N ILE B 29 -23.89 -9.83 -0.80
CA ILE B 29 -23.43 -10.68 0.27
C ILE B 29 -23.01 -9.79 1.44
N PRO B 30 -23.17 -10.28 2.67
CA PRO B 30 -22.92 -9.44 3.84
C PRO B 30 -21.45 -9.15 4.09
N ALA B 31 -21.20 -8.02 4.72
CA ALA B 31 -19.86 -7.67 5.14
C ALA B 31 -19.94 -6.78 6.37
N LYS B 32 -18.84 -6.71 7.10
CA LYS B 32 -18.76 -5.86 8.28
CA LYS B 32 -18.79 -5.81 8.26
C LYS B 32 -18.10 -4.50 7.90
N ILE B 33 -18.94 -3.60 7.43
CA ILE B 33 -18.48 -2.36 6.82
CA ILE B 33 -18.49 -2.35 6.82
C ILE B 33 -18.09 -1.33 7.87
N ILE B 34 -16.94 -0.70 7.64
CA ILE B 34 -16.37 0.32 8.50
C ILE B 34 -16.62 1.71 7.94
N PHE B 35 -16.49 1.82 6.62
CA PHE B 35 -16.58 3.12 5.95
C PHE B 35 -17.04 2.92 4.52
N GLU B 36 -17.84 3.85 4.02
CA GLU B 36 -18.24 3.79 2.63
C GLU B 36 -18.38 5.20 2.09
N ASP B 37 -17.79 5.44 0.92
CA ASP B 37 -18.11 6.66 0.17
C ASP B 37 -18.37 6.37 -1.31
N ASP B 38 -18.36 7.40 -2.16
CA ASP B 38 -18.66 7.19 -3.56
C ASP B 38 -17.55 6.45 -4.30
N ARG B 39 -16.36 6.40 -3.71
CA ARG B 39 -15.21 5.82 -4.40
C ARG B 39 -14.72 4.50 -3.84
N CYS B 40 -15.08 4.20 -2.61
CA CYS B 40 -14.49 3.04 -1.95
C CYS B 40 -15.29 2.50 -0.80
N LEU B 41 -14.86 1.35 -0.30
CA LEU B 41 -15.52 0.67 0.78
C LEU B 41 -14.45 0.02 1.63
N ALA B 42 -14.61 0.15 2.95
CA ALA B 42 -13.71 -0.51 3.91
C ALA B 42 -14.50 -1.48 4.77
N PHE B 43 -13.99 -2.70 4.90
CA PHE B 43 -14.69 -3.74 5.66
C PHE B 43 -13.70 -4.71 6.28
N HIS B 44 -14.11 -5.36 7.37
CA HIS B 44 -13.21 -6.28 8.06
C HIS B 44 -12.96 -7.57 7.27
N ASP B 45 -11.73 -8.07 7.32
CA ASP B 45 -11.37 -9.32 6.66
C ASP B 45 -11.95 -10.54 7.40
N ILE B 46 -12.46 -11.51 6.65
CA ILE B 46 -13.09 -12.67 7.25
C ILE B 46 -12.08 -13.67 7.81
N SER B 47 -10.81 -13.50 7.44
CA SER B 47 -9.73 -14.36 7.91
C SER B 47 -8.61 -13.46 8.42
N PRO B 48 -8.85 -12.79 9.54
CA PRO B 48 -7.88 -11.78 9.99
C PRO B 48 -6.52 -12.38 10.36
N GLN B 49 -5.47 -11.64 10.02
CA GLN B 49 -4.10 -12.09 10.28
C GLN B 49 -3.48 -11.27 11.42
N ALA B 50 -4.29 -10.37 11.97
CA ALA B 50 -3.91 -9.56 13.12
C ALA B 50 -5.20 -9.22 13.87
N PRO B 51 -5.06 -8.78 15.13
CA PRO B 51 -6.26 -8.49 15.92
C PRO B 51 -7.23 -7.53 15.22
N THR B 52 -6.70 -6.58 14.47
CA THR B 52 -7.49 -5.76 13.55
C THR B 52 -6.95 -6.00 12.15
N HIS B 53 -7.84 -6.34 11.21
CA HIS B 53 -7.42 -6.59 9.84
C HIS B 53 -8.59 -6.27 8.93
N PHE B 54 -8.48 -5.17 8.18
CA PHE B 54 -9.57 -4.78 7.31
C PHE B 54 -9.04 -4.47 5.91
N LEU B 55 -9.95 -4.31 4.96
CA LEU B 55 -9.60 -4.08 3.55
C LEU B 55 -10.23 -2.78 3.12
N VAL B 56 -9.53 -2.04 2.26
CA VAL B 56 -10.12 -0.90 1.58
C VAL B 56 -10.09 -1.16 0.08
N ILE B 57 -11.26 -1.11 -0.54
CA ILE B 57 -11.34 -1.42 -1.96
C ILE B 57 -12.02 -0.29 -2.73
N PRO B 58 -11.64 -0.11 -4.00
CA PRO B 58 -12.32 0.86 -4.85
C PRO B 58 -13.66 0.29 -5.29
N LYS B 59 -14.64 1.17 -5.49
CA LYS B 59 -15.89 0.70 -6.07
C LYS B 59 -15.75 0.43 -7.57
N LYS B 60 -14.85 1.15 -8.22
CA LYS B 60 -14.48 0.85 -9.60
C LYS B 60 -13.68 -0.45 -9.62
N HIS B 61 -14.07 -1.41 -10.46
CA HIS B 61 -13.29 -2.63 -10.56
C HIS B 61 -11.99 -2.42 -11.32
N ILE B 62 -10.89 -2.58 -10.59
CA ILE B 62 -9.55 -2.68 -11.17
C ILE B 62 -9.07 -4.05 -10.71
N SER B 63 -8.63 -4.90 -11.62
CA SER B 63 -8.39 -6.30 -11.24
C SER B 63 -7.16 -6.49 -10.35
N GLN B 64 -6.15 -5.65 -10.54
CA GLN B 64 -4.91 -5.77 -9.79
C GLN B 64 -4.07 -4.53 -10.04
N ILE B 65 -3.15 -4.22 -9.12
CA ILE B 65 -2.42 -2.96 -9.22
C ILE B 65 -1.60 -2.90 -10.51
N SER B 66 -1.16 -4.04 -11.02
CA SER B 66 -0.33 -4.05 -12.22
C SER B 66 -1.02 -3.51 -13.48
N VAL B 67 -2.36 -3.49 -13.48
CA VAL B 67 -3.10 -2.95 -14.62
C VAL B 67 -3.79 -1.61 -14.34
N ALA B 68 -3.51 -1.00 -13.18
CA ALA B 68 -4.04 0.33 -12.89
C ALA B 68 -3.53 1.37 -13.90
N GLU B 69 -4.39 2.32 -14.24
CA GLU B 69 -4.06 3.34 -15.22
C GLU B 69 -3.49 4.57 -14.52
N ASP B 70 -2.78 5.42 -15.26
CA ASP B 70 -2.28 6.66 -14.68
C ASP B 70 -3.43 7.46 -14.04
N ASP B 71 -4.59 7.43 -14.67
CA ASP B 71 -5.74 8.20 -14.20
C ASP B 71 -6.37 7.65 -12.93
N ASP B 72 -5.87 6.50 -12.47
CA ASP B 72 -6.35 5.91 -11.23
C ASP B 72 -5.57 6.41 -10.01
N GLU B 73 -4.63 7.33 -10.20
CA GLU B 73 -3.80 7.77 -9.09
C GLU B 73 -4.57 8.30 -7.88
N SER B 74 -5.49 9.23 -8.11
CA SER B 74 -6.25 9.83 -7.01
CA SER B 74 -6.22 9.83 -7.00
C SER B 74 -7.02 8.78 -6.23
N LEU B 75 -7.62 7.85 -6.96
CA LEU B 75 -8.41 6.77 -6.35
C LEU B 75 -7.55 5.86 -5.49
N LEU B 76 -6.39 5.47 -6.02
CA LEU B 76 -5.48 4.64 -5.26
C LEU B 76 -4.99 5.33 -3.99
N GLY B 77 -4.64 6.61 -4.12
CA GLY B 77 -4.23 7.39 -2.96
C GLY B 77 -5.37 7.51 -1.97
N HIS B 78 -6.60 7.64 -2.48
CA HIS B 78 -7.76 7.72 -1.62
C HIS B 78 -7.93 6.46 -0.78
N LEU B 79 -7.60 5.30 -1.34
CA LEU B 79 -7.67 4.07 -0.56
C LEU B 79 -6.76 4.16 0.67
N MET B 80 -5.56 4.74 0.48
CA MET B 80 -4.62 4.86 1.59
C MET B 80 -5.07 5.88 2.63
N ILE B 81 -5.61 7.02 2.17
CA ILE B 81 -6.14 8.01 3.10
C ILE B 81 -7.30 7.43 3.89
N VAL B 82 -8.18 6.70 3.22
CA VAL B 82 -9.28 6.06 3.93
C VAL B 82 -8.77 5.00 4.91
N GLY B 83 -7.77 4.24 4.48
CA GLY B 83 -7.15 3.23 5.34
C GLY B 83 -6.60 3.85 6.61
N LYS B 84 -5.88 4.96 6.47
CA LYS B 84 -5.28 5.56 7.66
C LYS B 84 -6.34 6.23 8.55
N LYS B 85 -7.39 6.77 7.96
CA LYS B 85 -8.47 7.36 8.74
CA LYS B 85 -8.48 7.37 8.71
C LYS B 85 -9.25 6.31 9.50
N CYS B 86 -9.54 5.19 8.85
CA CYS B 86 -10.23 4.09 9.53
C CYS B 86 -9.36 3.53 10.64
N ALA B 87 -8.06 3.39 10.39
CA ALA B 87 -7.15 2.87 11.42
C ALA B 87 -7.22 3.75 12.66
N ALA B 88 -7.22 5.07 12.44
CA ALA B 88 -7.33 6.01 13.55
C ALA B 88 -8.67 5.87 14.29
N ASP B 89 -9.76 5.77 13.52
CA ASP B 89 -11.09 5.65 14.09
C ASP B 89 -11.27 4.35 14.85
N LEU B 90 -10.49 3.33 14.47
CA LEU B 90 -10.53 2.03 15.14
C LEU B 90 -9.54 1.94 16.31
N GLY B 91 -8.81 3.03 16.54
CA GLY B 91 -7.93 3.11 17.71
C GLY B 91 -6.59 2.41 17.57
N LEU B 92 -6.10 2.30 16.34
CA LEU B 92 -4.78 1.72 16.08
C LEU B 92 -3.65 2.73 16.28
N ASN B 93 -3.59 3.24 17.49
CA ASN B 93 -2.68 4.31 17.86
C ASN B 93 -1.21 3.89 17.93
N LYS B 94 -0.96 2.58 18.00
CA LYS B 94 0.41 2.08 18.05
C LYS B 94 0.98 1.77 16.67
N GLY B 95 0.16 1.88 15.64
CA GLY B 95 0.63 1.67 14.29
C GLY B 95 -0.07 0.53 13.57
N TYR B 96 0.36 0.24 12.35
CA TYR B 96 -0.30 -0.74 11.51
C TYR B 96 0.52 -0.92 10.23
N ARG B 97 0.16 -1.91 9.44
CA ARG B 97 0.82 -2.19 8.16
C ARG B 97 -0.21 -2.24 7.06
N MET B 98 0.10 -1.58 5.95
CA MET B 98 -0.76 -1.60 4.77
C MET B 98 -0.11 -2.48 3.73
N VAL B 99 -0.91 -3.30 3.07
CA VAL B 99 -0.36 -4.25 2.11
C VAL B 99 -1.22 -4.32 0.85
N VAL B 100 -0.57 -4.27 -0.31
CA VAL B 100 -1.24 -4.62 -1.55
C VAL B 100 -0.55 -5.84 -2.15
N ASN B 101 -1.34 -6.89 -2.39
CA ASN B 101 -0.82 -8.10 -3.02
C ASN B 101 -1.11 -8.10 -4.52
N GLU B 102 -0.09 -8.44 -5.31
CA GLU B 102 -0.23 -8.53 -6.76
C GLU B 102 0.15 -9.91 -7.28
N GLY B 103 -0.79 -10.57 -7.93
CA GLY B 103 -0.47 -11.78 -8.66
C GLY B 103 -0.08 -12.96 -7.79
N SER B 104 0.53 -13.96 -8.41
CA SER B 104 0.83 -15.22 -7.74
C SER B 104 1.90 -15.08 -6.65
N ASP B 105 3.02 -14.46 -6.98
CA ASP B 105 4.09 -14.27 -6.01
C ASP B 105 3.65 -13.35 -4.88
N GLY B 106 2.69 -12.47 -5.17
CA GLY B 106 2.21 -11.57 -4.14
C GLY B 106 1.18 -12.21 -3.25
N GLY B 107 0.68 -13.37 -3.64
CA GLY B 107 -0.33 -14.05 -2.84
C GLY B 107 -1.73 -13.49 -3.01
N GLN B 108 -1.98 -12.83 -4.14
CA GLN B 108 -3.31 -12.28 -4.41
C GLN B 108 -4.33 -13.39 -4.70
N SER B 109 -5.45 -13.40 -3.98
CA SER B 109 -6.46 -14.44 -4.18
C SER B 109 -7.77 -13.90 -4.76
N VAL B 110 -8.00 -12.60 -4.61
CA VAL B 110 -9.18 -11.97 -5.21
C VAL B 110 -8.70 -10.90 -6.18
N TYR B 111 -9.11 -11.02 -7.44
CA TYR B 111 -8.62 -10.09 -8.45
C TYR B 111 -9.51 -8.85 -8.59
N HIS B 112 -9.53 -8.11 -7.49
CA HIS B 112 -10.11 -6.78 -7.39
C HIS B 112 -9.15 -6.05 -6.45
N VAL B 113 -8.58 -4.95 -6.92
CA VAL B 113 -7.54 -4.27 -6.11
CA VAL B 113 -7.46 -4.42 -6.15
C VAL B 113 -7.89 -4.05 -4.74
N HIS B 114 -7.16 -4.32 -3.70
CA HIS B 114 -7.54 -4.09 -2.31
C HIS B 114 -6.33 -3.78 -1.45
N LEU B 115 -6.52 -2.89 -0.50
CA LEU B 115 -5.49 -2.49 0.44
C LEU B 115 -5.78 -3.16 1.78
N HIS B 116 -4.90 -4.07 2.22
CA HIS B 116 -5.02 -4.63 3.57
C HIS B 116 -4.51 -3.63 4.59
N VAL B 117 -5.20 -3.51 5.71
CA VAL B 117 -4.66 -2.75 6.85
C VAL B 117 -4.66 -3.66 8.09
N LEU B 118 -3.49 -3.91 8.65
CA LEU B 118 -3.35 -4.84 9.78
C LEU B 118 -2.73 -4.14 10.98
N GLY B 119 -3.25 -4.42 12.16
CA GLY B 119 -2.71 -3.85 13.37
C GLY B 119 -3.22 -4.53 14.62
N GLY B 120 -2.86 -3.97 15.77
CA GLY B 120 -3.27 -4.52 17.05
C GLY B 120 -2.26 -5.49 17.62
N ARG B 121 -1.17 -5.72 16.89
CA ARG B 121 -0.06 -6.51 17.38
C ARG B 121 1.21 -6.00 16.71
N GLN B 122 2.36 -6.43 17.22
CA GLN B 122 3.61 -6.13 16.53
C GLN B 122 3.67 -6.88 15.21
N MET B 123 3.87 -6.15 14.12
CA MET B 123 4.12 -6.78 12.82
C MET B 123 5.61 -7.04 12.67
N HIS B 124 5.96 -8.14 12.02
CA HIS B 124 7.36 -8.57 11.90
C HIS B 124 7.94 -8.30 10.52
N TRP B 125 9.26 -8.47 10.41
CA TRP B 125 9.95 -8.27 9.15
C TRP B 125 10.73 -9.55 8.87
N PRO B 126 10.73 -10.03 7.61
CA PRO B 126 10.10 -9.47 6.41
C PRO B 126 8.57 -9.57 6.44
N PRO B 127 7.89 -8.80 5.59
CA PRO B 127 6.42 -8.81 5.56
C PRO B 127 5.91 -9.96 4.70
N GLY B 128 6.19 -11.18 5.16
CA GLY B 128 5.93 -12.39 4.39
C GLY B 128 7.11 -12.68 3.48
#